data_1MOE
#
_entry.id   1MOE
#
_cell.length_a   64.314
_cell.length_b   64.314
_cell.length_c   247.930
_cell.angle_alpha   90.00
_cell.angle_beta   90.00
_cell.angle_gamma   90.00
#
_symmetry.space_group_name_H-M   'P 41 21 2'
#
loop_
_entity.id
_entity.type
_entity.pdbx_description
1 polymer 'anti-CEA mAb T84.66'
2 non-polymer 'SULFATE ION'
3 water water
#
_entity_poly.entity_id   1
_entity_poly.type   'polypeptide(L)'
_entity_poly.pdbx_seq_one_letter_code
;DIVLTQSPASLAVSLGQRATMSCRAGESVDIFGVGFLHWYQQKPGQPPKLLIYRASNLESGIPVRFSGTGSRTDFTLIID
PVEADDVATYYCQQTNEDPYTFGGGTKLEIKGGGSGGGGEVQLQQSGAELVEPGASVKLSCTASGFNIKDTYMHWVKQRP
EQGLEWIGRIDPANGNSKYVPKFQGKATITADTSSNTAYLQLTSLTSEDTAVYYCAPFGYYVSDYAMAYWGQGTSVTVSS
;
_entity_poly.pdbx_strand_id   A,B
#
loop_
_chem_comp.id
_chem_comp.type
_chem_comp.name
_chem_comp.formula
SO4 non-polymer 'SULFATE ION' 'O4 S -2'
#
# COMPACT_ATOMS: atom_id res chain seq x y z
N ASP A 1 11.66 30.25 8.14
CA ASP A 1 11.31 28.87 7.67
C ASP A 1 12.26 27.84 8.29
N ILE A 2 11.93 26.57 8.10
CA ILE A 2 12.76 25.49 8.61
C ILE A 2 13.47 24.90 7.40
N VAL A 3 14.78 25.15 7.31
CA VAL A 3 15.59 24.67 6.19
C VAL A 3 16.11 23.26 6.37
N LEU A 4 15.80 22.42 5.39
CA LEU A 4 16.23 21.04 5.40
C LEU A 4 17.38 20.92 4.41
N THR A 5 18.39 20.14 4.80
CA THR A 5 19.58 19.95 3.97
C THR A 5 19.89 18.48 3.83
N GLN A 6 19.74 17.98 2.61
CA GLN A 6 20.01 16.58 2.31
C GLN A 6 21.46 16.41 1.89
N SER A 7 22.00 15.22 2.09
CA SER A 7 23.37 14.93 1.70
C SER A 7 23.66 13.44 1.69
N PRO A 8 24.53 12.98 0.78
CA PRO A 8 25.22 13.82 -0.22
C PRO A 8 24.28 14.34 -1.30
N ALA A 9 24.83 15.13 -2.22
CA ALA A 9 23.99 15.62 -3.29
C ALA A 9 23.66 14.35 -4.06
N SER A 10 24.58 13.40 -4.01
CA SER A 10 24.39 12.15 -4.71
C SER A 10 25.46 11.13 -4.32
N LEU A 11 25.12 9.86 -4.47
CA LEU A 11 26.05 8.78 -4.16
C LEU A 11 25.77 7.61 -5.08
N ALA A 12 26.74 6.70 -5.16
CA ALA A 12 26.62 5.52 -5.99
C ALA A 12 26.90 4.31 -5.09
N VAL A 13 26.10 3.26 -5.26
CA VAL A 13 26.25 2.04 -4.47
C VAL A 13 26.06 0.76 -5.30
N SER A 14 26.81 -0.27 -4.94
CA SER A 14 26.71 -1.55 -5.64
C SER A 14 25.48 -2.30 -5.14
N LEU A 15 24.86 -3.09 -6.00
CA LEU A 15 23.67 -3.85 -5.60
C LEU A 15 23.99 -4.68 -4.37
N GLY A 16 23.04 -4.73 -3.44
CA GLY A 16 23.23 -5.50 -2.23
C GLY A 16 24.01 -4.84 -1.11
N GLN A 17 24.49 -3.63 -1.36
CA GLN A 17 25.25 -2.89 -0.36
C GLN A 17 24.34 -1.95 0.40
N ARG A 18 24.87 -1.36 1.47
CA ARG A 18 24.09 -0.45 2.30
C ARG A 18 24.15 0.95 1.73
N ALA A 19 23.03 1.66 1.75
CA ALA A 19 22.98 3.03 1.28
C ALA A 19 22.37 3.85 2.40
N THR A 20 22.96 5.01 2.70
CA THR A 20 22.41 5.88 3.75
C THR A 20 22.56 7.36 3.39
N MET A 21 21.48 8.11 3.49
CA MET A 21 21.51 9.55 3.19
C MET A 21 20.91 10.33 4.34
N SER A 22 21.35 11.57 4.53
CA SER A 22 20.81 12.35 5.63
C SER A 22 20.03 13.58 5.19
N CYS A 23 19.34 14.15 6.17
CA CYS A 23 18.52 15.34 6.00
C CYS A 23 18.60 15.97 7.37
N ARG A 24 19.23 17.14 7.44
CA ARG A 24 19.39 17.85 8.70
C ARG A 24 18.61 19.16 8.72
N ALA A 25 17.87 19.36 9.80
CA ALA A 25 17.05 20.57 9.96
C ALA A 25 17.77 21.66 10.74
N GLY A 26 17.63 22.90 10.28
CA GLY A 26 18.26 24.03 10.94
C GLY A 26 17.50 24.37 12.20
N GLU A 27 16.38 23.70 12.40
CA GLU A 27 15.55 23.92 13.57
C GLU A 27 14.84 22.62 13.88
N SER A 28 14.58 22.34 15.15
CA SER A 28 13.91 21.09 15.50
C SER A 28 12.58 20.90 14.77
N VAL A 29 12.24 19.64 14.48
CA VAL A 29 10.98 19.32 13.82
C VAL A 29 10.26 18.31 14.71
N ASP A 30 10.74 18.18 15.93
CA ASP A 30 10.16 17.26 16.91
C ASP A 30 9.08 17.94 17.73
N ILE A 31 8.03 17.17 18.03
CA ILE A 31 6.92 17.64 18.86
C ILE A 31 6.57 16.52 19.82
N PHE A 32 7.03 16.65 21.06
CA PHE A 32 6.75 15.65 22.07
C PHE A 32 7.31 14.29 21.68
N GLY A 33 8.57 14.29 21.30
CA GLY A 33 9.28 13.07 20.94
C GLY A 33 9.00 12.52 19.56
N VAL A 34 8.12 13.16 18.80
CA VAL A 34 7.76 12.73 17.45
C VAL A 34 8.41 13.58 16.38
N GLY A 35 9.21 12.95 15.51
CA GLY A 35 9.86 13.68 14.44
C GLY A 35 9.01 13.72 13.18
N PHE A 36 8.53 14.91 12.81
CA PHE A 36 7.69 15.05 11.64
C PHE A 36 8.47 15.31 10.36
N LEU A 37 9.31 14.35 10.01
CA LEU A 37 10.14 14.39 8.81
C LEU A 37 9.70 13.23 7.94
N HIS A 38 9.50 13.48 6.65
CA HIS A 38 9.07 12.42 5.75
C HIS A 38 10.03 12.18 4.60
N TRP A 39 10.04 10.95 4.12
CA TRP A 39 10.89 10.56 3.01
C TRP A 39 10.07 10.09 1.82
N TYR A 40 10.41 10.62 0.65
CA TYR A 40 9.75 10.28 -0.61
C TYR A 40 10.79 9.92 -1.67
N GLN A 41 10.44 8.94 -2.49
CA GLN A 41 11.28 8.49 -3.59
C GLN A 41 10.65 9.08 -4.85
N GLN A 42 11.48 9.42 -5.82
CA GLN A 42 10.96 9.97 -7.06
C GLN A 42 11.83 9.58 -8.25
N LYS A 43 11.19 9.00 -9.26
CA LYS A 43 11.88 8.58 -10.47
C LYS A 43 11.46 9.50 -11.62
N PRO A 44 12.27 9.57 -12.68
CA PRO A 44 11.94 10.44 -13.80
C PRO A 44 10.54 10.25 -14.39
N GLY A 45 9.79 11.33 -14.47
CA GLY A 45 8.45 11.26 -15.03
C GLY A 45 7.32 11.06 -14.05
N GLN A 46 7.61 10.46 -12.90
CA GLN A 46 6.57 10.21 -11.91
C GLN A 46 6.64 11.19 -10.75
N PRO A 47 5.51 11.39 -10.08
CA PRO A 47 5.46 12.30 -8.94
C PRO A 47 6.17 11.64 -7.75
N PRO A 48 6.30 12.37 -6.62
CA PRO A 48 6.96 11.82 -5.43
C PRO A 48 6.14 10.67 -4.86
N LYS A 49 6.83 9.69 -4.27
CA LYS A 49 6.15 8.53 -3.66
C LYS A 49 6.53 8.37 -2.19
N LEU A 50 5.55 8.54 -1.30
CA LEU A 50 5.82 8.42 0.12
C LEU A 50 6.46 7.08 0.47
N LEU A 51 7.53 7.15 1.24
CA LEU A 51 8.27 5.97 1.69
C LEU A 51 8.17 5.83 3.22
N ILE A 52 8.63 6.86 3.92
CA ILE A 52 8.66 6.89 5.39
C ILE A 52 7.98 8.14 5.95
N TYR A 53 7.11 7.97 6.95
CA TYR A 53 6.46 9.12 7.55
C TYR A 53 6.80 9.21 9.03
N ARG A 54 6.88 10.45 9.53
CA ARG A 54 7.22 10.71 10.92
C ARG A 54 8.55 10.06 11.31
N ALA A 55 9.62 10.42 10.61
CA ALA A 55 10.96 9.92 10.91
C ALA A 55 11.26 8.47 10.62
N SER A 56 10.45 7.56 11.15
CA SER A 56 10.71 6.14 10.95
C SER A 56 9.52 5.20 10.79
N ASN A 57 8.44 5.65 10.16
CA ASN A 57 7.28 4.77 9.97
C ASN A 57 7.16 4.31 8.52
N LEU A 58 7.40 3.02 8.32
CA LEU A 58 7.32 2.41 7.00
C LEU A 58 5.92 2.51 6.45
N GLU A 59 5.78 3.19 5.31
CA GLU A 59 4.48 3.36 4.66
C GLU A 59 3.97 2.04 4.08
N SER A 60 2.68 1.81 4.25
CA SER A 60 2.03 0.61 3.77
C SER A 60 2.45 0.31 2.33
N GLY A 61 3.04 -0.86 2.11
CA GLY A 61 3.44 -1.23 0.77
C GLY A 61 4.87 -0.99 0.37
N ILE A 62 5.65 -0.36 1.24
CA ILE A 62 7.06 -0.11 0.93
C ILE A 62 7.90 -1.28 1.44
N PRO A 63 8.99 -1.62 0.73
CA PRO A 63 9.85 -2.73 1.14
C PRO A 63 10.56 -2.48 2.45
N VAL A 64 10.72 -3.56 3.21
CA VAL A 64 11.36 -3.55 4.51
C VAL A 64 12.80 -3.08 4.49
N ARG A 65 13.42 -3.14 3.31
CA ARG A 65 14.81 -2.73 3.20
C ARG A 65 14.99 -1.22 3.35
N PHE A 66 13.89 -0.50 3.61
CA PHE A 66 13.92 0.96 3.81
C PHE A 66 13.75 1.30 5.30
N SER A 67 14.70 2.03 5.87
CA SER A 67 14.61 2.39 7.30
C SER A 67 14.73 3.90 7.51
N GLY A 68 13.87 4.42 8.36
CA GLY A 68 13.87 5.84 8.68
C GLY A 68 14.58 6.01 10.00
N THR A 69 15.30 7.11 10.18
CA THR A 69 16.08 7.27 11.41
C THR A 69 16.40 8.71 11.79
N GLY A 70 16.52 8.96 13.09
CA GLY A 70 16.89 10.29 13.54
C GLY A 70 15.96 10.97 14.51
N SER A 71 16.39 12.11 15.05
CA SER A 71 15.56 12.84 16.00
C SER A 71 15.82 14.34 16.02
N ARG A 72 14.76 15.12 16.22
CA ARG A 72 14.87 16.57 16.31
C ARG A 72 15.41 17.30 15.07
N THR A 73 16.68 17.08 14.74
CA THR A 73 17.29 17.79 13.62
C THR A 73 18.16 16.96 12.68
N ASP A 74 18.57 15.76 13.09
CA ASP A 74 19.41 14.94 12.22
C ASP A 74 18.67 13.65 11.88
N PHE A 75 18.41 13.44 10.61
CA PHE A 75 17.70 12.25 10.18
C PHE A 75 18.39 11.55 9.05
N THR A 76 18.30 10.22 9.07
CA THR A 76 18.92 9.36 8.07
C THR A 76 17.93 8.39 7.44
N LEU A 77 18.10 8.14 6.15
CA LEU A 77 17.27 7.17 5.45
C LEU A 77 18.25 6.05 5.10
N ILE A 78 17.86 4.82 5.40
CA ILE A 78 18.73 3.69 5.14
C ILE A 78 18.05 2.68 4.24
N ILE A 79 18.73 2.31 3.16
CA ILE A 79 18.23 1.32 2.24
C ILE A 79 19.23 0.19 2.32
N ASP A 80 18.81 -0.98 2.78
CA ASP A 80 19.73 -2.10 2.90
C ASP A 80 19.01 -3.45 2.81
N PRO A 81 19.31 -4.26 1.77
CA PRO A 81 20.27 -4.00 0.69
C PRO A 81 19.67 -3.26 -0.51
N VAL A 82 20.52 -2.51 -1.21
CA VAL A 82 20.09 -1.75 -2.37
C VAL A 82 19.77 -2.65 -3.57
N GLU A 83 18.61 -2.40 -4.19
CA GLU A 83 18.15 -3.14 -5.34
C GLU A 83 18.14 -2.12 -6.49
N ALA A 84 18.20 -2.59 -7.73
CA ALA A 84 18.22 -1.69 -8.88
C ALA A 84 16.94 -0.85 -9.02
N ASP A 85 15.84 -1.34 -8.46
CA ASP A 85 14.58 -0.61 -8.54
C ASP A 85 14.67 0.66 -7.73
N ASP A 86 15.74 0.76 -6.94
CA ASP A 86 15.98 1.89 -6.04
C ASP A 86 16.65 3.13 -6.62
N VAL A 87 17.20 3.02 -7.83
CA VAL A 87 17.84 4.17 -8.45
C VAL A 87 16.77 5.24 -8.63
N ALA A 88 16.98 6.38 -7.97
CA ALA A 88 16.03 7.48 -8.03
C ALA A 88 16.51 8.62 -7.16
N THR A 89 15.64 9.59 -6.93
CA THR A 89 15.98 10.72 -6.09
C THR A 89 15.10 10.70 -4.86
N TYR A 90 15.71 10.86 -3.69
CA TYR A 90 14.98 10.82 -2.44
C TYR A 90 14.88 12.18 -1.78
N TYR A 91 13.67 12.54 -1.34
CA TYR A 91 13.44 13.83 -0.69
C TYR A 91 12.94 13.71 0.74
N CYS A 92 13.21 14.75 1.54
CA CYS A 92 12.72 14.79 2.90
C CYS A 92 11.88 16.03 3.00
N GLN A 93 10.76 15.91 3.71
CA GLN A 93 9.84 17.00 3.94
C GLN A 93 9.51 17.08 5.40
N GLN A 94 9.33 18.28 5.91
CA GLN A 94 8.96 18.44 7.30
C GLN A 94 7.58 19.10 7.41
N THR A 95 6.73 18.56 8.26
CA THR A 95 5.42 19.12 8.44
C THR A 95 5.30 19.43 9.92
N ASN A 96 6.25 20.23 10.40
CA ASN A 96 6.28 20.61 11.79
C ASN A 96 5.62 21.98 11.92
N GLU A 97 5.61 22.72 10.81
CA GLU A 97 5.03 24.04 10.77
C GLU A 97 4.93 24.47 9.31
N ASP A 98 3.98 25.34 8.99
CA ASP A 98 3.88 25.76 7.61
C ASP A 98 4.76 27.00 7.46
N PRO A 99 5.44 27.13 6.31
CA PRO A 99 5.45 26.24 5.13
C PRO A 99 6.18 24.92 5.31
N TYR A 100 5.59 23.88 4.72
CA TYR A 100 6.09 22.52 4.77
C TYR A 100 7.28 22.32 3.84
N THR A 101 8.45 22.80 4.27
CA THR A 101 9.68 22.72 3.47
C THR A 101 10.12 21.33 3.05
N PHE A 102 10.94 21.29 2.00
CA PHE A 102 11.50 20.06 1.45
C PHE A 102 13.00 20.25 1.38
N GLY A 103 13.73 19.14 1.31
CA GLY A 103 15.18 19.18 1.21
C GLY A 103 15.60 19.16 -0.25
N GLY A 104 16.89 19.33 -0.50
CA GLY A 104 17.36 19.36 -1.88
C GLY A 104 17.27 18.02 -2.58
N GLY A 105 17.23 16.96 -1.81
CA GLY A 105 17.14 15.63 -2.40
C GLY A 105 18.50 15.05 -2.69
N THR A 106 18.57 13.72 -2.61
CA THR A 106 19.80 12.99 -2.85
C THR A 106 19.54 11.99 -3.97
N LYS A 107 20.52 11.82 -4.85
CA LYS A 107 20.39 10.92 -5.96
C LYS A 107 21.20 9.65 -5.78
N LEU A 108 20.51 8.52 -5.71
CA LEU A 108 21.18 7.24 -5.55
C LEU A 108 21.20 6.61 -6.94
N GLU A 109 22.25 5.87 -7.23
CA GLU A 109 22.37 5.19 -8.50
C GLU A 109 23.35 4.06 -8.34
N ILE A 110 23.05 2.93 -8.97
CA ILE A 110 23.90 1.76 -8.89
C ILE A 110 25.25 2.03 -9.51
N LYS A 111 26.30 1.50 -8.90
CA LYS A 111 27.64 1.66 -9.44
C LYS A 111 28.01 0.25 -9.83
N GLY A 112 28.99 0.10 -10.73
CA GLY A 112 29.40 -1.24 -11.13
C GLY A 112 29.58 -2.15 -9.93
N GLY A 113 28.61 -3.05 -9.72
CA GLY A 113 28.67 -3.97 -8.60
C GLY A 113 28.68 -5.41 -9.03
N GLY A 114 29.75 -6.12 -8.68
CA GLY A 114 29.87 -7.52 -9.07
C GLY A 114 28.93 -8.44 -8.33
N SER A 115 27.90 -7.88 -7.72
CA SER A 115 26.94 -8.66 -6.97
C SER A 115 25.54 -8.03 -7.00
N GLY A 116 24.67 -8.56 -6.15
CA GLY A 116 23.31 -8.07 -6.07
C GLY A 116 22.41 -9.16 -5.54
N GLY A 117 21.71 -9.84 -6.46
CA GLY A 117 20.81 -10.93 -6.10
C GLY A 117 20.01 -10.79 -4.82
N GLY A 118 18.77 -10.32 -4.94
CA GLY A 118 17.93 -10.15 -3.76
C GLY A 118 16.47 -9.89 -4.11
N GLY A 119 15.98 -10.62 -5.11
CA GLY A 119 14.59 -10.47 -5.52
C GLY A 119 13.62 -10.76 -4.40
N GLU A 120 12.64 -9.86 -4.25
CA GLU A 120 11.62 -10.02 -3.21
C GLU A 120 10.87 -11.33 -3.42
N VAL A 121 10.12 -11.75 -2.41
CA VAL A 121 9.36 -12.98 -2.51
C VAL A 121 8.12 -12.76 -3.37
N GLN A 122 8.10 -13.38 -4.55
CA GLN A 122 6.96 -13.24 -5.45
C GLN A 122 6.37 -14.57 -5.92
N LEU A 123 5.04 -14.61 -5.99
CA LEU A 123 4.31 -15.79 -6.43
C LEU A 123 3.65 -15.51 -7.78
N GLN A 124 4.00 -16.29 -8.79
CA GLN A 124 3.41 -16.09 -10.12
C GLN A 124 2.61 -17.30 -10.57
N GLN A 125 1.31 -17.10 -10.73
CA GLN A 125 0.40 -18.16 -11.12
C GLN A 125 -0.08 -18.07 -12.57
N SER A 126 -0.42 -19.22 -13.14
CA SER A 126 -0.90 -19.31 -14.52
C SER A 126 -2.07 -18.38 -14.85
N GLY A 127 -2.42 -18.33 -16.14
CA GLY A 127 -3.49 -17.46 -16.58
C GLY A 127 -4.88 -18.03 -16.39
N ALA A 128 -5.90 -17.18 -16.52
CA ALA A 128 -7.29 -17.57 -16.35
C ALA A 128 -7.62 -18.82 -17.15
N GLU A 129 -8.45 -19.69 -16.57
CA GLU A 129 -8.85 -20.95 -17.20
C GLU A 129 -10.37 -21.03 -17.40
N LEU A 130 -10.77 -21.37 -18.57
CA LEU A 130 -12.17 -21.60 -18.89
C LEU A 130 -12.40 -22.98 -19.53
N VAL A 131 -13.07 -23.83 -18.81
CA VAL A 131 -13.26 -25.17 -19.28
C VAL A 131 -14.70 -25.64 -19.12
N GLU A 132 -14.90 -26.88 -19.54
CA GLU A 132 -16.20 -27.55 -19.52
C GLU A 132 -16.35 -28.45 -18.28
N PRO A 133 -17.60 -28.64 -17.83
CA PRO A 133 -17.82 -29.49 -16.67
C PRO A 133 -17.34 -30.90 -17.01
N GLY A 134 -16.62 -31.51 -16.08
CA GLY A 134 -16.11 -32.85 -16.29
C GLY A 134 -14.62 -32.82 -16.58
N ALA A 135 -14.19 -31.72 -17.19
CA ALA A 135 -12.78 -31.53 -17.53
C ALA A 135 -11.98 -31.35 -16.24
N SER A 136 -10.68 -31.54 -16.31
CA SER A 136 -9.84 -31.37 -15.14
C SER A 136 -8.72 -30.39 -15.46
N VAL A 137 -8.74 -29.23 -14.80
CA VAL A 137 -7.72 -28.22 -15.02
C VAL A 137 -6.53 -28.39 -14.11
N LYS A 138 -5.51 -27.59 -14.35
CA LYS A 138 -4.30 -27.62 -13.55
C LYS A 138 -3.72 -26.21 -13.49
N LEU A 139 -3.66 -25.66 -12.28
CA LEU A 139 -3.13 -24.33 -12.08
C LEU A 139 -1.67 -24.47 -11.65
N SER A 140 -0.87 -23.45 -11.93
CA SER A 140 0.55 -23.45 -11.56
C SER A 140 0.89 -22.27 -10.66
N CYS A 141 2.00 -22.40 -9.95
CA CYS A 141 2.45 -21.36 -9.04
C CYS A 141 3.96 -21.38 -9.04
N THR A 142 4.54 -20.38 -9.68
CA THR A 142 5.98 -20.27 -9.77
C THR A 142 6.50 -19.20 -8.82
N ALA A 143 7.36 -19.65 -7.91
CA ALA A 143 7.94 -18.78 -6.90
C ALA A 143 9.31 -18.30 -7.33
N SER A 144 9.76 -17.26 -6.65
CA SER A 144 11.06 -16.66 -6.89
C SER A 144 11.29 -15.73 -5.72
N GLY A 145 12.48 -15.79 -5.16
CA GLY A 145 12.80 -14.97 -4.01
C GLY A 145 13.00 -15.93 -2.86
N PHE A 146 12.60 -17.18 -3.10
CA PHE A 146 12.74 -18.24 -2.11
C PHE A 146 12.55 -19.60 -2.77
N ASN A 147 13.10 -20.64 -2.16
CA ASN A 147 12.96 -21.99 -2.68
C ASN A 147 11.75 -22.63 -2.01
N ILE A 148 10.77 -23.04 -2.82
CA ILE A 148 9.58 -23.68 -2.28
C ILE A 148 9.96 -24.95 -1.56
N LYS A 149 11.26 -25.24 -1.51
CA LYS A 149 11.72 -26.45 -0.85
C LYS A 149 11.84 -26.33 0.66
N ASP A 150 11.86 -25.09 1.17
CA ASP A 150 11.98 -24.88 2.62
C ASP A 150 10.72 -24.38 3.31
N THR A 151 9.56 -24.79 2.83
CA THR A 151 8.30 -24.38 3.41
C THR A 151 7.17 -25.22 2.83
N TYR A 152 5.94 -24.90 3.20
CA TYR A 152 4.77 -25.60 2.68
C TYR A 152 4.12 -24.69 1.65
N MET A 153 3.72 -25.25 0.51
CA MET A 153 3.04 -24.46 -0.51
C MET A 153 1.57 -24.75 -0.33
N HIS A 154 0.78 -23.71 -0.12
CA HIS A 154 -0.65 -23.86 0.11
C HIS A 154 -1.51 -23.33 -1.02
N TRP A 155 -2.73 -23.87 -1.13
CA TRP A 155 -3.68 -23.43 -2.14
C TRP A 155 -4.97 -22.99 -1.42
N VAL A 156 -5.53 -21.86 -1.86
CA VAL A 156 -6.75 -21.32 -1.26
C VAL A 156 -7.75 -21.05 -2.37
N LYS A 157 -8.99 -21.46 -2.13
CA LYS A 157 -10.04 -21.29 -3.11
C LYS A 157 -11.04 -20.24 -2.66
N GLN A 158 -11.34 -19.30 -3.54
CA GLN A 158 -12.31 -18.25 -3.23
C GLN A 158 -13.32 -18.10 -4.35
N ARG A 159 -14.47 -18.72 -4.17
CA ARG A 159 -15.52 -18.66 -5.17
C ARG A 159 -16.04 -17.23 -5.31
N PRO A 160 -16.66 -16.92 -6.46
CA PRO A 160 -17.21 -15.59 -6.77
C PRO A 160 -17.93 -14.91 -5.61
N GLU A 161 -17.34 -13.81 -5.16
CA GLU A 161 -17.90 -13.01 -4.07
C GLU A 161 -18.09 -13.82 -2.79
N GLN A 162 -17.06 -14.54 -2.37
CA GLN A 162 -17.18 -15.34 -1.15
C GLN A 162 -15.89 -15.48 -0.34
N GLY A 163 -15.99 -16.23 0.75
CA GLY A 163 -14.86 -16.46 1.63
C GLY A 163 -13.71 -17.18 0.96
N LEU A 164 -12.75 -17.61 1.76
CA LEU A 164 -11.57 -18.31 1.26
C LEU A 164 -11.53 -19.70 1.85
N GLU A 165 -11.20 -20.68 1.03
CA GLU A 165 -11.14 -22.05 1.50
C GLU A 165 -9.75 -22.66 1.45
N TRP A 166 -9.16 -22.93 2.61
CA TRP A 166 -7.86 -23.57 2.60
C TRP A 166 -8.13 -24.96 2.04
N ILE A 167 -7.52 -25.28 0.90
CA ILE A 167 -7.70 -26.59 0.26
C ILE A 167 -6.71 -27.61 0.81
N GLY A 168 -5.44 -27.21 0.88
CA GLY A 168 -4.40 -28.10 1.36
C GLY A 168 -3.00 -27.56 1.16
N ARG A 169 -2.00 -28.37 1.53
CA ARG A 169 -0.60 -28.00 1.41
C ARG A 169 0.23 -29.17 0.91
N ILE A 170 1.44 -28.87 0.47
CA ILE A 170 2.37 -29.90 0.05
C ILE A 170 3.75 -29.44 0.47
N ASP A 171 4.58 -30.41 0.88
CA ASP A 171 5.94 -30.11 1.29
C ASP A 171 6.81 -30.50 0.10
N PRO A 172 7.23 -29.51 -0.71
CA PRO A 172 8.06 -29.74 -1.90
C PRO A 172 9.32 -30.55 -1.63
N ALA A 173 9.68 -30.72 -0.37
CA ALA A 173 10.88 -31.46 -0.03
C ALA A 173 10.64 -32.96 0.16
N ASN A 174 9.51 -33.47 -0.34
CA ASN A 174 9.18 -34.90 -0.19
C ASN A 174 7.82 -35.30 -0.75
N GLY A 175 7.16 -34.37 -1.43
CA GLY A 175 5.85 -34.66 -2.00
C GLY A 175 4.75 -34.79 -0.97
N ASN A 176 5.09 -34.69 0.32
CA ASN A 176 4.11 -34.81 1.39
C ASN A 176 3.00 -33.78 1.28
N SER A 177 1.83 -34.21 0.86
CA SER A 177 0.68 -33.32 0.71
C SER A 177 -0.40 -33.63 1.76
N LYS A 178 -1.14 -32.59 2.12
CA LYS A 178 -2.21 -32.71 3.11
C LYS A 178 -3.37 -31.92 2.55
N TYR A 179 -4.57 -32.51 2.56
CA TYR A 179 -5.74 -31.81 2.02
C TYR A 179 -6.87 -31.79 3.03
N VAL A 180 -7.73 -30.79 2.93
CA VAL A 180 -8.88 -30.73 3.81
C VAL A 180 -9.67 -31.96 3.36
N PRO A 181 -10.20 -32.73 4.32
CA PRO A 181 -10.97 -33.91 3.95
C PRO A 181 -11.91 -33.71 2.77
N LYS A 182 -12.72 -32.66 2.82
CA LYS A 182 -13.69 -32.40 1.76
C LYS A 182 -13.09 -32.26 0.37
N PHE A 183 -11.77 -32.19 0.29
CA PHE A 183 -11.10 -32.05 -1.00
C PHE A 183 -10.20 -33.22 -1.33
N GLN A 184 -10.39 -34.38 -0.71
CA GLN A 184 -9.51 -35.51 -0.96
C GLN A 184 -9.49 -36.10 -2.38
N GLY A 185 -10.61 -36.63 -2.85
CA GLY A 185 -10.62 -37.21 -4.20
C GLY A 185 -10.98 -36.23 -5.32
N LYS A 186 -10.70 -34.94 -5.12
CA LYS A 186 -11.00 -33.93 -6.12
C LYS A 186 -9.81 -33.03 -6.33
N ALA A 187 -9.01 -32.85 -5.29
CA ALA A 187 -7.84 -32.00 -5.38
C ALA A 187 -6.53 -32.77 -5.29
N THR A 188 -5.51 -32.25 -5.96
CA THR A 188 -4.20 -32.88 -5.96
C THR A 188 -3.15 -31.78 -5.99
N ILE A 189 -2.23 -31.81 -5.04
CA ILE A 189 -1.19 -30.81 -5.01
C ILE A 189 0.15 -31.48 -5.21
N THR A 190 0.91 -30.95 -6.16
CA THR A 190 2.23 -31.48 -6.52
C THR A 190 3.21 -30.33 -6.70
N ALA A 191 4.51 -30.61 -6.61
CA ALA A 191 5.51 -29.57 -6.76
C ALA A 191 6.89 -30.05 -7.17
N ASP A 192 7.44 -29.45 -8.21
CA ASP A 192 8.77 -29.82 -8.70
C ASP A 192 9.82 -28.99 -7.96
N THR A 193 10.74 -29.68 -7.29
CA THR A 193 11.81 -29.04 -6.55
C THR A 193 12.64 -28.11 -7.43
N SER A 194 13.04 -28.61 -8.60
CA SER A 194 13.85 -27.85 -9.55
C SER A 194 13.10 -26.71 -10.23
N SER A 195 11.92 -27.00 -10.77
CA SER A 195 11.14 -25.97 -11.43
C SER A 195 10.80 -24.90 -10.40
N ASN A 196 10.80 -25.30 -9.13
CA ASN A 196 10.49 -24.41 -8.01
C ASN A 196 9.08 -23.86 -8.24
N THR A 197 8.15 -24.78 -8.47
CA THR A 197 6.75 -24.45 -8.71
C THR A 197 5.83 -25.54 -8.16
N ALA A 198 4.65 -25.12 -7.71
CA ALA A 198 3.67 -26.04 -7.18
C ALA A 198 2.46 -26.03 -8.12
N TYR A 199 1.79 -27.17 -8.21
CA TYR A 199 0.63 -27.30 -9.07
C TYR A 199 -0.58 -27.79 -8.29
N LEU A 200 -1.72 -27.19 -8.62
CA LEU A 200 -2.99 -27.56 -8.01
C LEU A 200 -3.76 -28.23 -9.12
N GLN A 201 -4.39 -29.37 -8.83
CA GLN A 201 -5.14 -30.05 -9.86
C GLN A 201 -6.52 -30.45 -9.36
N LEU A 202 -7.54 -30.04 -10.11
CA LEU A 202 -8.91 -30.36 -9.80
C LEU A 202 -9.46 -31.18 -10.96
N THR A 203 -10.10 -32.29 -10.64
CA THR A 203 -10.65 -33.19 -11.66
C THR A 203 -12.16 -33.05 -11.77
N SER A 204 -12.72 -33.58 -12.86
CA SER A 204 -14.16 -33.52 -13.10
C SER A 204 -14.69 -32.21 -12.55
N LEU A 205 -14.33 -31.12 -13.20
CA LEU A 205 -14.76 -29.79 -12.75
C LEU A 205 -16.27 -29.63 -12.69
N THR A 206 -16.69 -28.56 -12.01
CA THR A 206 -18.10 -28.29 -11.83
C THR A 206 -18.33 -26.80 -11.66
N SER A 207 -19.59 -26.40 -11.82
CA SER A 207 -20.00 -25.01 -11.68
C SER A 207 -19.48 -24.48 -10.34
N GLU A 208 -19.51 -25.33 -9.31
CA GLU A 208 -19.04 -24.93 -8.00
C GLU A 208 -17.54 -25.08 -7.84
N ASP A 209 -16.83 -24.99 -8.96
CA ASP A 209 -15.39 -25.06 -8.97
C ASP A 209 -14.93 -23.73 -9.54
N THR A 210 -15.89 -23.03 -10.18
CA THR A 210 -15.63 -21.71 -10.73
C THR A 210 -15.20 -20.91 -9.52
N ALA A 211 -13.95 -20.47 -9.51
CA ALA A 211 -13.44 -19.71 -8.39
C ALA A 211 -12.02 -19.25 -8.63
N VAL A 212 -11.59 -18.26 -7.86
CA VAL A 212 -10.23 -17.76 -7.96
C VAL A 212 -9.37 -18.62 -7.03
N TYR A 213 -8.19 -19.02 -7.49
CA TYR A 213 -7.31 -19.84 -6.67
C TYR A 213 -5.97 -19.16 -6.40
N TYR A 214 -5.54 -19.19 -5.15
CA TYR A 214 -4.27 -18.57 -4.78
C TYR A 214 -3.33 -19.61 -4.18
N CYS A 215 -2.03 -19.33 -4.22
CA CYS A 215 -1.04 -20.18 -3.61
C CYS A 215 -0.29 -19.33 -2.59
N ALA A 216 0.18 -19.96 -1.51
CA ALA A 216 0.88 -19.17 -0.52
C ALA A 216 1.86 -19.96 0.33
N PRO A 217 3.13 -19.53 0.32
CA PRO A 217 4.16 -20.20 1.10
C PRO A 217 3.89 -19.92 2.57
N PHE A 218 3.48 -20.94 3.31
CA PHE A 218 3.20 -20.74 4.72
C PHE A 218 3.85 -21.77 5.60
N GLY A 219 4.85 -21.34 6.35
CA GLY A 219 5.52 -22.23 7.25
C GLY A 219 7.02 -22.34 7.06
N TYR A 220 7.69 -22.60 8.17
CA TYR A 220 9.13 -22.77 8.22
C TYR A 220 10.01 -21.57 7.94
N TYR A 221 10.63 -21.54 6.77
CA TYR A 221 11.53 -20.44 6.43
C TYR A 221 10.95 -19.39 5.52
N VAL A 222 9.63 -19.29 5.45
CA VAL A 222 9.07 -18.30 4.56
C VAL A 222 8.02 -17.41 5.20
N SER A 223 6.97 -18.01 5.73
CA SER A 223 5.90 -17.22 6.32
C SER A 223 5.32 -18.05 7.46
N ASP A 224 6.19 -18.46 8.38
CA ASP A 224 5.83 -19.33 9.50
C ASP A 224 4.84 -18.83 10.55
N TYR A 225 4.37 -17.59 10.45
CA TYR A 225 3.44 -17.07 11.46
C TYR A 225 2.03 -16.82 10.94
N ALA A 226 1.92 -16.69 9.62
CA ALA A 226 0.66 -16.45 8.97
C ALA A 226 0.95 -16.45 7.48
N MET A 227 -0.03 -16.07 6.67
CA MET A 227 0.18 -16.04 5.23
C MET A 227 0.38 -14.61 4.79
N ALA A 228 1.64 -14.21 4.65
CA ALA A 228 1.95 -12.85 4.26
C ALA A 228 2.05 -12.68 2.75
N TYR A 229 2.43 -13.74 2.05
CA TYR A 229 2.57 -13.66 0.61
C TYR A 229 1.50 -14.46 -0.08
N TRP A 230 1.02 -13.92 -1.20
CA TRP A 230 -0.03 -14.56 -2.00
C TRP A 230 0.26 -14.47 -3.49
N GLY A 231 -0.26 -15.43 -4.25
CA GLY A 231 -0.08 -15.39 -5.69
C GLY A 231 -1.13 -14.39 -6.14
N GLN A 232 -1.22 -14.09 -7.43
CA GLN A 232 -2.22 -13.13 -7.87
C GLN A 232 -3.62 -13.70 -7.94
N GLY A 233 -3.71 -15.02 -8.03
CA GLY A 233 -5.02 -15.65 -8.11
C GLY A 233 -5.38 -16.09 -9.51
N THR A 234 -5.41 -17.41 -9.71
CA THR A 234 -5.76 -18.00 -10.98
C THR A 234 -7.28 -18.10 -11.03
N SER A 235 -7.90 -17.30 -11.88
CA SER A 235 -9.36 -17.31 -12.02
C SER A 235 -9.77 -18.48 -12.91
N VAL A 236 -10.64 -19.35 -12.40
CA VAL A 236 -11.10 -20.51 -13.16
C VAL A 236 -12.61 -20.52 -13.33
N THR A 237 -13.07 -20.70 -14.57
CA THR A 237 -14.50 -20.71 -14.83
C THR A 237 -14.97 -21.91 -15.66
N VAL A 238 -16.19 -22.36 -15.36
CA VAL A 238 -16.78 -23.50 -16.04
C VAL A 238 -18.23 -23.22 -16.39
N SER A 239 -18.52 -23.11 -17.68
CA SER A 239 -19.88 -22.88 -18.16
C SER A 239 -20.28 -24.11 -18.96
N SER A 240 -19.38 -24.55 -19.84
CA SER A 240 -19.61 -25.73 -20.67
C SER A 240 -18.37 -26.05 -21.51
N ASP B 1 -13.52 -29.10 13.17
CA ASP B 1 -12.50 -28.02 13.09
C ASP B 1 -12.99 -26.80 13.86
N ILE B 2 -12.34 -25.66 13.62
CA ILE B 2 -12.69 -24.42 14.28
C ILE B 2 -13.39 -23.45 13.34
N VAL B 3 -14.67 -23.21 13.58
CA VAL B 3 -15.44 -22.30 12.75
C VAL B 3 -15.39 -20.86 13.25
N LEU B 4 -15.05 -19.97 12.32
CA LEU B 4 -14.96 -18.55 12.61
C LEU B 4 -16.15 -17.85 11.99
N THR B 5 -16.83 -17.05 12.80
CA THR B 5 -18.00 -16.30 12.34
C THR B 5 -17.72 -14.82 12.58
N GLN B 6 -17.81 -14.02 11.53
CA GLN B 6 -17.58 -12.60 11.68
C GLN B 6 -18.87 -11.82 11.62
N SER B 7 -18.88 -10.65 12.24
CA SER B 7 -20.04 -9.79 12.22
C SER B 7 -19.63 -8.32 12.45
N PRO B 8 -20.29 -7.38 11.76
CA PRO B 8 -21.37 -7.58 10.78
C PRO B 8 -20.90 -8.15 9.44
N ALA B 9 -21.85 -8.51 8.58
CA ALA B 9 -21.53 -9.06 7.27
C ALA B 9 -21.17 -7.89 6.37
N SER B 10 -22.00 -6.87 6.45
CA SER B 10 -21.81 -5.65 5.68
C SER B 10 -21.65 -4.56 6.70
N LEU B 11 -20.69 -3.68 6.46
CA LEU B 11 -20.43 -2.58 7.36
C LEU B 11 -20.10 -1.33 6.57
N ALA B 12 -20.75 -0.23 6.93
CA ALA B 12 -20.49 1.04 6.26
C ALA B 12 -20.22 2.11 7.32
N VAL B 13 -19.11 2.80 7.16
CA VAL B 13 -18.73 3.85 8.10
C VAL B 13 -18.33 5.12 7.39
N SER B 14 -18.62 6.24 8.02
CA SER B 14 -18.28 7.54 7.48
C SER B 14 -16.75 7.64 7.55
N LEU B 15 -16.18 8.44 6.65
CA LEU B 15 -14.74 8.62 6.62
C LEU B 15 -14.21 9.25 7.91
N GLY B 16 -13.02 8.81 8.32
CA GLY B 16 -12.38 9.32 9.51
C GLY B 16 -12.99 8.84 10.82
N GLN B 17 -13.93 7.92 10.71
CA GLN B 17 -14.60 7.38 11.88
C GLN B 17 -14.08 6.00 12.22
N ARG B 18 -14.57 5.48 13.34
CA ARG B 18 -14.20 4.17 13.87
C ARG B 18 -15.06 3.02 13.35
N ALA B 19 -14.38 1.93 12.95
CA ALA B 19 -15.04 0.74 12.46
C ALA B 19 -14.76 -0.37 13.45
N THR B 20 -15.69 -1.32 13.57
CA THR B 20 -15.56 -2.42 14.50
C THR B 20 -16.15 -3.74 14.02
N MET B 21 -15.31 -4.73 13.80
CA MET B 21 -15.81 -6.02 13.36
C MET B 21 -15.26 -7.07 14.31
N SER B 22 -16.03 -8.12 14.52
CA SER B 22 -15.61 -9.17 15.42
C SER B 22 -15.52 -10.46 14.66
N CYS B 23 -14.87 -11.42 15.29
CA CYS B 23 -14.68 -12.74 14.72
C CYS B 23 -14.80 -13.69 15.90
N ARG B 24 -15.79 -14.59 15.83
CA ARG B 24 -16.04 -15.54 16.90
C ARG B 24 -15.75 -16.97 16.47
N ALA B 25 -14.83 -17.61 17.18
CA ALA B 25 -14.43 -18.98 16.90
C ALA B 25 -15.21 -19.95 17.78
N GLY B 26 -15.57 -21.10 17.20
CA GLY B 26 -16.30 -22.11 17.95
C GLY B 26 -15.52 -22.54 19.17
N GLU B 27 -14.27 -22.92 18.96
CA GLU B 27 -13.38 -23.35 20.04
C GLU B 27 -12.41 -22.24 20.36
N SER B 28 -11.46 -22.51 21.25
CA SER B 28 -10.46 -21.52 21.61
C SER B 28 -9.29 -21.68 20.66
N VAL B 29 -8.89 -20.60 20.01
CA VAL B 29 -7.77 -20.63 19.07
C VAL B 29 -6.58 -20.02 19.78
N ASP B 30 -6.75 -19.82 21.08
CA ASP B 30 -5.73 -19.27 21.92
C ASP B 30 -4.75 -20.34 22.39
N ILE B 31 -3.47 -20.00 22.38
CA ILE B 31 -2.44 -20.91 22.84
C ILE B 31 -1.41 -20.19 23.69
N PHE B 32 -1.48 -20.42 24.99
CA PHE B 32 -0.55 -19.83 25.96
C PHE B 32 -0.56 -18.32 25.96
N GLY B 33 -1.74 -17.75 25.70
CA GLY B 33 -1.88 -16.31 25.70
C GLY B 33 -2.04 -15.79 24.29
N VAL B 34 -1.19 -16.29 23.41
CA VAL B 34 -1.22 -15.88 22.01
C VAL B 34 -2.44 -16.45 21.31
N GLY B 35 -3.23 -15.57 20.72
CA GLY B 35 -4.39 -16.03 19.99
C GLY B 35 -3.88 -16.27 18.58
N PHE B 36 -4.04 -17.49 18.08
CA PHE B 36 -3.60 -17.83 16.73
C PHE B 36 -4.69 -17.47 15.74
N LEU B 37 -4.99 -16.18 15.67
CA LEU B 37 -6.03 -15.65 14.78
C LEU B 37 -5.41 -14.50 14.04
N HIS B 38 -5.68 -14.43 12.74
CA HIS B 38 -5.11 -13.39 11.91
C HIS B 38 -6.17 -12.58 11.17
N TRP B 39 -5.82 -11.38 10.76
CA TRP B 39 -6.76 -10.54 10.02
C TRP B 39 -6.21 -10.20 8.66
N TYR B 40 -7.02 -10.41 7.64
CA TYR B 40 -6.66 -10.11 6.26
C TYR B 40 -7.62 -9.10 5.65
N GLN B 41 -7.05 -8.16 4.89
CA GLN B 41 -7.81 -7.16 4.19
C GLN B 41 -7.73 -7.56 2.74
N GLN B 42 -8.86 -7.49 2.02
CA GLN B 42 -8.85 -7.87 0.62
C GLN B 42 -9.50 -6.86 -0.29
N LYS B 43 -8.69 -6.21 -1.12
CA LYS B 43 -9.21 -5.22 -2.08
C LYS B 43 -9.90 -5.92 -3.22
N PRO B 44 -10.95 -5.27 -3.79
CA PRO B 44 -11.71 -5.84 -4.91
C PRO B 44 -10.80 -6.46 -5.97
N GLY B 45 -11.08 -7.70 -6.34
CA GLY B 45 -10.28 -8.40 -7.35
C GLY B 45 -8.79 -8.40 -7.01
N GLN B 46 -8.45 -8.75 -5.78
CA GLN B 46 -7.06 -8.74 -5.40
C GLN B 46 -6.80 -9.83 -4.37
N PRO B 47 -5.53 -10.24 -4.20
CA PRO B 47 -5.30 -11.29 -3.21
C PRO B 47 -5.48 -10.73 -1.81
N PRO B 48 -5.70 -11.59 -0.82
CA PRO B 48 -5.86 -11.09 0.54
C PRO B 48 -4.52 -10.58 1.05
N LYS B 49 -4.52 -9.43 1.73
CA LYS B 49 -3.30 -8.83 2.27
C LYS B 49 -3.27 -8.88 3.79
N LEU B 50 -2.25 -9.53 4.36
CA LEU B 50 -2.13 -9.65 5.81
C LEU B 50 -1.95 -8.30 6.52
N LEU B 51 -2.75 -8.07 7.56
CA LEU B 51 -2.69 -6.84 8.32
C LEU B 51 -2.22 -7.11 9.74
N ILE B 52 -2.76 -8.17 10.32
CA ILE B 52 -2.43 -8.52 11.69
C ILE B 52 -2.34 -10.03 11.91
N TYR B 53 -1.24 -10.48 12.51
CA TYR B 53 -1.04 -11.89 12.80
C TYR B 53 -1.04 -12.11 14.31
N ARG B 54 -1.63 -13.22 14.74
CA ARG B 54 -1.70 -13.58 16.15
C ARG B 54 -2.46 -12.66 17.06
N ALA B 55 -3.62 -12.22 16.58
CA ALA B 55 -4.52 -11.38 17.34
C ALA B 55 -4.21 -9.92 17.47
N SER B 56 -2.96 -9.55 17.72
CA SER B 56 -2.64 -8.15 17.91
C SER B 56 -1.40 -7.56 17.23
N ASN B 57 -0.56 -8.41 16.64
CA ASN B 57 0.67 -7.95 16.01
C ASN B 57 0.53 -7.45 14.56
N LEU B 58 0.71 -6.15 14.39
CA LEU B 58 0.63 -5.52 13.08
C LEU B 58 1.75 -5.97 12.15
N GLU B 59 1.40 -6.31 10.92
CA GLU B 59 2.38 -6.72 9.92
C GLU B 59 3.11 -5.46 9.48
N SER B 60 4.37 -5.60 9.07
CA SER B 60 5.17 -4.46 8.61
C SER B 60 4.46 -3.62 7.58
N GLY B 61 4.50 -2.30 7.77
CA GLY B 61 3.84 -1.41 6.84
C GLY B 61 2.44 -1.02 7.27
N ILE B 62 1.83 -1.85 8.12
CA ILE B 62 0.47 -1.56 8.58
C ILE B 62 0.52 -0.49 9.66
N PRO B 63 -0.23 0.62 9.46
CA PRO B 63 -0.29 1.72 10.42
C PRO B 63 -1.05 1.31 11.69
N VAL B 64 -0.78 2.00 12.78
CA VAL B 64 -1.39 1.71 14.06
C VAL B 64 -2.88 2.00 14.17
N ARG B 65 -3.50 2.50 13.09
CA ARG B 65 -4.94 2.73 13.14
C ARG B 65 -5.69 1.40 13.08
N PHE B 66 -4.93 0.31 12.94
CA PHE B 66 -5.46 -1.03 12.88
C PHE B 66 -5.13 -1.71 14.21
N SER B 67 -6.16 -2.01 14.99
CA SER B 67 -5.98 -2.66 16.30
C SER B 67 -6.51 -4.08 16.29
N GLY B 68 -5.70 -5.01 16.78
CA GLY B 68 -6.11 -6.39 16.84
C GLY B 68 -6.18 -6.80 18.30
N THR B 69 -7.34 -7.26 18.74
CA THR B 69 -7.52 -7.66 20.13
C THR B 69 -8.52 -8.82 20.27
N GLY B 70 -8.48 -9.49 21.42
CA GLY B 70 -9.38 -10.61 21.64
C GLY B 70 -8.76 -11.65 22.56
N SER B 71 -9.57 -12.57 23.07
CA SER B 71 -9.03 -13.58 23.96
C SER B 71 -8.87 -15.00 23.43
N ARG B 72 -9.83 -15.85 23.78
CA ARG B 72 -9.78 -17.25 23.41
C ARG B 72 -10.70 -17.61 22.25
N THR B 73 -11.80 -16.90 22.13
CA THR B 73 -12.75 -17.20 21.08
C THR B 73 -13.44 -15.94 20.60
N ASP B 74 -13.06 -14.81 21.17
CA ASP B 74 -13.70 -13.58 20.79
C ASP B 74 -12.68 -12.54 20.37
N PHE B 75 -12.65 -12.24 19.08
CA PHE B 75 -11.70 -11.28 18.56
C PHE B 75 -12.36 -10.06 17.90
N THR B 76 -11.66 -8.94 18.00
CA THR B 76 -12.14 -7.69 17.44
C THR B 76 -11.07 -6.99 16.63
N LEU B 77 -11.46 -6.51 15.45
CA LEU B 77 -10.54 -5.75 14.62
C LEU B 77 -11.09 -4.33 14.58
N ILE B 78 -10.23 -3.36 14.88
CA ILE B 78 -10.66 -1.99 14.86
C ILE B 78 -9.81 -1.12 13.94
N ILE B 79 -10.48 -0.21 13.25
CA ILE B 79 -9.83 0.70 12.32
C ILE B 79 -10.30 2.08 12.75
N ASP B 80 -9.37 2.87 13.29
CA ASP B 80 -9.70 4.19 13.75
C ASP B 80 -8.51 5.13 13.59
N PRO B 81 -8.62 6.11 12.69
CA PRO B 81 -9.80 6.36 11.86
C PRO B 81 -9.80 5.54 10.57
N VAL B 82 -10.93 5.51 9.88
CA VAL B 82 -11.01 4.80 8.62
C VAL B 82 -10.58 5.80 7.55
N GLU B 83 -9.83 5.34 6.56
CA GLU B 83 -9.36 6.19 5.49
C GLU B 83 -9.96 5.76 4.16
N ALA B 84 -9.81 6.61 3.15
CA ALA B 84 -10.37 6.37 1.82
C ALA B 84 -10.14 5.02 1.16
N ASP B 85 -8.91 4.50 1.22
CA ASP B 85 -8.62 3.21 0.59
C ASP B 85 -8.84 2.02 1.50
N ASP B 86 -9.79 2.15 2.42
CA ASP B 86 -10.08 1.06 3.34
C ASP B 86 -11.23 0.21 2.85
N VAL B 87 -11.88 0.66 1.80
CA VAL B 87 -12.98 -0.09 1.23
C VAL B 87 -12.41 -1.46 0.81
N ALA B 88 -12.90 -2.50 1.46
CA ALA B 88 -12.45 -3.87 1.20
C ALA B 88 -13.15 -4.88 2.14
N THR B 89 -12.74 -6.15 2.06
CA THR B 89 -13.33 -7.17 2.91
C THR B 89 -12.32 -7.78 3.87
N TYR B 90 -12.64 -7.73 5.16
CA TYR B 90 -11.73 -8.24 6.18
C TYR B 90 -12.08 -9.62 6.69
N TYR B 91 -11.15 -10.55 6.53
CA TYR B 91 -11.35 -11.92 6.97
C TYR B 91 -10.41 -12.29 8.11
N CYS B 92 -10.86 -13.18 8.98
CA CYS B 92 -10.04 -13.66 10.07
C CYS B 92 -9.77 -15.13 9.77
N GLN B 93 -8.58 -15.59 10.11
CA GLN B 93 -8.20 -16.97 9.87
C GLN B 93 -7.54 -17.48 11.13
N GLN B 94 -7.72 -18.76 11.44
CA GLN B 94 -7.10 -19.32 12.63
C GLN B 94 -6.09 -20.37 12.21
N THR B 95 -4.91 -20.33 12.82
CA THR B 95 -3.86 -21.28 12.51
C THR B 95 -3.57 -22.19 13.69
N ASN B 96 -4.42 -22.11 14.71
CA ASN B 96 -4.26 -22.94 15.90
C ASN B 96 -4.27 -24.41 15.51
N GLU B 97 -5.15 -24.77 14.58
CA GLU B 97 -5.21 -26.14 14.14
C GLU B 97 -5.81 -26.25 12.74
N ASP B 98 -5.43 -27.30 12.03
CA ASP B 98 -5.97 -27.49 10.71
C ASP B 98 -7.10 -28.51 10.77
N PRO B 99 -8.04 -28.43 9.82
CA PRO B 99 -7.98 -27.41 8.76
C PRO B 99 -7.97 -25.94 9.23
N TYR B 100 -7.10 -25.14 8.63
CA TYR B 100 -7.02 -23.74 8.97
C TYR B 100 -8.27 -23.14 8.35
N THR B 101 -9.09 -22.48 9.16
CA THR B 101 -10.31 -21.89 8.64
C THR B 101 -10.25 -20.37 8.49
N PHE B 102 -11.13 -19.84 7.66
CA PHE B 102 -11.25 -18.41 7.43
C PHE B 102 -12.65 -18.05 7.89
N GLY B 103 -12.93 -16.75 7.96
CA GLY B 103 -14.24 -16.33 8.39
C GLY B 103 -15.05 -15.84 7.20
N GLY B 104 -16.28 -15.43 7.47
CA GLY B 104 -17.15 -14.93 6.43
C GLY B 104 -16.67 -13.62 5.88
N GLY B 105 -16.06 -12.82 6.73
CA GLY B 105 -15.53 -11.53 6.31
C GLY B 105 -16.54 -10.42 6.37
N THR B 106 -16.09 -9.23 6.75
CA THR B 106 -16.95 -8.07 6.83
C THR B 106 -16.65 -7.13 5.66
N LYS B 107 -17.65 -6.91 4.80
CA LYS B 107 -17.47 -6.01 3.67
C LYS B 107 -17.56 -4.59 4.18
N LEU B 108 -16.43 -3.88 4.19
CA LEU B 108 -16.42 -2.51 4.66
C LEU B 108 -16.54 -1.56 3.47
N GLU B 109 -17.41 -0.57 3.60
CA GLU B 109 -17.59 0.43 2.56
C GLU B 109 -17.75 1.80 3.24
N ILE B 110 -17.23 2.84 2.60
CA ILE B 110 -17.32 4.21 3.15
C ILE B 110 -18.66 4.86 2.82
N LYS B 111 -19.28 5.51 3.80
CA LYS B 111 -20.57 6.16 3.59
C LYS B 111 -20.54 7.24 2.52
N GLY B 112 -19.35 7.58 2.04
CA GLY B 112 -19.25 8.57 0.97
C GLY B 112 -20.12 8.10 -0.19
N GLY B 113 -20.68 6.91 0.01
CA GLY B 113 -21.57 6.33 -0.96
C GLY B 113 -20.95 5.88 -2.26
N GLY B 114 -21.78 5.21 -3.05
CA GLY B 114 -21.35 4.72 -4.33
C GLY B 114 -21.40 3.21 -4.36
N SER B 115 -22.34 2.67 -5.10
CA SER B 115 -22.46 1.22 -5.23
C SER B 115 -21.23 0.67 -5.97
N GLY B 116 -20.65 1.49 -6.84
CA GLY B 116 -19.49 1.05 -7.58
C GLY B 116 -18.24 1.69 -7.02
N GLY B 117 -17.08 1.35 -7.60
CA GLY B 117 -15.83 1.91 -7.14
C GLY B 117 -15.48 1.64 -5.69
N GLY B 118 -14.25 1.14 -5.48
CA GLY B 118 -13.80 0.83 -4.14
C GLY B 118 -12.50 1.54 -3.80
N GLY B 119 -12.64 2.71 -3.18
CA GLY B 119 -11.49 3.49 -2.79
C GLY B 119 -10.65 3.91 -3.98
N GLU B 120 -9.41 3.43 -4.01
CA GLU B 120 -8.47 3.75 -5.09
C GLU B 120 -8.56 5.23 -5.43
N VAL B 121 -7.99 6.05 -4.54
CA VAL B 121 -8.00 7.49 -4.68
C VAL B 121 -7.04 7.95 -5.78
N GLN B 122 -7.44 8.94 -6.55
CA GLN B 122 -6.57 9.45 -7.59
C GLN B 122 -6.82 10.93 -7.83
N LEU B 123 -5.85 11.59 -8.45
CA LEU B 123 -5.94 13.01 -8.75
C LEU B 123 -5.66 13.25 -10.24
N GLN B 124 -6.46 14.09 -10.88
CA GLN B 124 -6.30 14.39 -12.30
C GLN B 124 -5.91 15.85 -12.52
N GLN B 125 -4.69 16.05 -13.01
CA GLN B 125 -4.18 17.37 -13.29
C GLN B 125 -4.55 17.72 -14.71
N SER B 126 -4.75 19.01 -14.98
CA SER B 126 -5.09 19.47 -16.32
C SER B 126 -3.88 19.20 -17.22
N GLY B 127 -4.05 19.39 -18.52
CA GLY B 127 -2.98 19.12 -19.47
C GLY B 127 -1.77 20.05 -19.43
N ALA B 128 -0.65 19.56 -19.96
CA ALA B 128 0.58 20.35 -20.00
C ALA B 128 0.37 21.63 -20.80
N GLU B 129 0.94 22.75 -20.32
CA GLU B 129 0.80 24.02 -21.02
C GLU B 129 2.13 24.63 -21.45
N LEU B 130 1.92 25.62 -22.41
CA LEU B 130 2.96 26.37 -23.12
C LEU B 130 2.61 27.87 -23.20
N VAL B 131 3.18 28.43 -22.07
CA VAL B 131 2.84 29.83 -22.06
C VAL B 131 4.06 30.70 -22.32
N GLU B 132 3.86 32.00 -22.34
CA GLU B 132 4.94 32.94 -22.56
C GLU B 132 4.92 33.96 -21.44
N PRO B 133 6.01 34.72 -21.30
CA PRO B 133 6.09 35.73 -20.23
C PRO B 133 4.90 36.68 -20.30
N GLY B 134 4.32 36.97 -19.14
CA GLY B 134 3.17 37.86 -19.09
C GLY B 134 1.88 37.05 -19.07
N ALA B 135 1.99 35.77 -19.40
CA ALA B 135 0.84 34.87 -19.42
C ALA B 135 0.36 34.52 -18.02
N SER B 136 -0.76 33.82 -17.96
CA SER B 136 -1.33 33.40 -16.70
C SER B 136 -2.02 32.06 -16.88
N VAL B 137 -1.81 31.16 -15.92
CA VAL B 137 -2.39 29.83 -15.99
C VAL B 137 -3.33 29.57 -14.83
N LYS B 138 -4.27 28.65 -15.02
CA LYS B 138 -5.19 28.26 -13.96
C LYS B 138 -5.32 26.75 -14.07
N LEU B 139 -4.45 26.04 -13.34
CA LEU B 139 -4.44 24.57 -13.36
C LEU B 139 -5.56 23.99 -12.52
N SER B 140 -5.99 22.79 -12.90
CA SER B 140 -7.03 22.11 -12.14
C SER B 140 -6.49 20.75 -11.67
N CYS B 141 -7.26 20.11 -10.80
CA CYS B 141 -6.90 18.81 -10.26
C CYS B 141 -8.19 18.32 -9.67
N THR B 142 -8.82 17.38 -10.36
CA THR B 142 -10.07 16.83 -9.87
C THR B 142 -9.78 15.62 -9.03
N ALA B 143 -10.51 15.50 -7.94
CA ALA B 143 -10.32 14.40 -7.02
C ALA B 143 -11.46 13.39 -7.04
N SER B 144 -11.09 12.11 -6.97
CA SER B 144 -12.06 11.00 -6.93
C SER B 144 -11.61 10.00 -5.85
N GLY B 145 -12.57 9.43 -5.14
CA GLY B 145 -12.24 8.48 -4.08
C GLY B 145 -12.56 9.09 -2.73
N PHE B 146 -12.51 10.42 -2.65
CA PHE B 146 -12.80 11.12 -1.41
C PHE B 146 -13.35 12.50 -1.76
N ASN B 147 -14.08 13.09 -0.82
CA ASN B 147 -14.64 14.43 -1.00
C ASN B 147 -13.53 15.42 -0.63
N ILE B 148 -13.33 16.47 -1.41
CA ILE B 148 -12.25 17.39 -1.10
C ILE B 148 -12.53 18.26 0.11
N LYS B 149 -13.75 18.22 0.62
CA LYS B 149 -14.08 19.01 1.81
C LYS B 149 -13.52 18.33 3.05
N ASP B 150 -13.29 17.02 2.96
CA ASP B 150 -12.75 16.26 4.08
C ASP B 150 -11.24 16.38 4.23
N THR B 151 -10.65 17.43 3.64
CA THR B 151 -9.21 17.61 3.75
C THR B 151 -8.73 18.96 3.23
N TYR B 152 -7.43 19.07 3.01
CA TYR B 152 -6.84 20.29 2.48
C TYR B 152 -6.15 19.92 1.17
N MET B 153 -6.31 20.77 0.16
CA MET B 153 -5.67 20.51 -1.12
C MET B 153 -4.44 21.39 -1.21
N HIS B 154 -3.31 20.74 -1.49
CA HIS B 154 -2.02 21.42 -1.57
C HIS B 154 -1.47 21.45 -2.98
N TRP B 155 -0.68 22.48 -3.25
CA TRP B 155 -0.05 22.61 -4.54
C TRP B 155 1.42 22.73 -4.26
N VAL B 156 2.22 22.02 -5.06
CA VAL B 156 3.67 22.03 -4.90
C VAL B 156 4.30 22.26 -6.25
N LYS B 157 5.39 23.03 -6.27
CA LYS B 157 6.09 23.35 -7.50
C LYS B 157 7.40 22.55 -7.59
N GLN B 158 7.87 22.28 -8.80
CA GLN B 158 9.13 21.55 -8.94
C GLN B 158 9.80 21.86 -10.26
N ARG B 159 10.93 22.55 -10.18
CA ARG B 159 11.67 22.92 -11.38
C ARG B 159 12.55 21.77 -11.88
N PRO B 160 12.75 21.69 -13.21
CA PRO B 160 13.55 20.67 -13.90
C PRO B 160 14.86 20.33 -13.22
N GLU B 161 14.87 19.22 -12.48
CA GLU B 161 16.04 18.75 -11.74
C GLU B 161 16.15 19.41 -10.37
N GLN B 162 15.04 19.83 -9.78
CA GLN B 162 15.10 20.50 -8.48
C GLN B 162 14.08 20.02 -7.42
N GLY B 163 14.40 20.30 -6.16
CA GLY B 163 13.53 19.88 -5.07
C GLY B 163 12.14 20.47 -5.12
N LEU B 164 11.24 19.91 -4.31
CA LEU B 164 9.86 20.37 -4.26
C LEU B 164 9.74 21.61 -3.39
N GLU B 165 8.79 22.46 -3.72
CA GLU B 165 8.57 23.71 -2.98
C GLU B 165 7.09 23.95 -2.70
N TRP B 166 6.67 23.69 -1.46
CA TRP B 166 5.28 23.90 -1.10
C TRP B 166 4.88 25.29 -1.55
N ILE B 167 3.66 25.41 -2.06
CA ILE B 167 3.14 26.70 -2.53
C ILE B 167 2.12 27.20 -1.55
N GLY B 168 1.15 26.34 -1.24
CA GLY B 168 0.09 26.69 -0.32
C GLY B 168 -0.98 25.64 -0.34
N ARG B 169 -2.05 25.87 0.41
CA ARG B 169 -3.15 24.92 0.51
C ARG B 169 -4.43 25.73 0.53
N ILE B 170 -5.55 25.02 0.56
CA ILE B 170 -6.86 25.66 0.59
C ILE B 170 -7.78 24.65 1.25
N ASP B 171 -8.69 25.16 2.08
CA ASP B 171 -9.67 24.31 2.76
C ASP B 171 -11.00 24.50 2.03
N PRO B 172 -11.43 23.48 1.27
CA PRO B 172 -12.68 23.53 0.52
C PRO B 172 -13.92 23.61 1.41
N ALA B 173 -13.78 23.20 2.66
CA ALA B 173 -14.91 23.22 3.57
C ALA B 173 -15.39 24.62 3.92
N ASN B 174 -14.48 25.59 3.98
CA ASN B 174 -14.87 26.96 4.34
C ASN B 174 -14.16 28.04 3.53
N GLY B 175 -13.38 27.62 2.54
CA GLY B 175 -12.71 28.58 1.69
C GLY B 175 -11.37 29.15 2.10
N ASN B 176 -10.93 28.93 3.35
CA ASN B 176 -9.66 29.47 3.81
C ASN B 176 -8.45 28.93 3.05
N SER B 177 -7.55 29.82 2.66
CA SER B 177 -6.33 29.43 1.94
C SER B 177 -5.14 30.00 2.70
N LYS B 178 -3.97 29.44 2.45
CA LYS B 178 -2.75 29.89 3.10
C LYS B 178 -1.59 29.63 2.13
N TYR B 179 -0.72 30.62 2.00
CA TYR B 179 0.39 30.50 1.07
C TYR B 179 1.74 30.77 1.72
N VAL B 180 2.79 30.30 1.05
CA VAL B 180 4.14 30.59 1.51
C VAL B 180 4.23 32.04 1.06
N PRO B 181 4.63 32.95 1.96
CA PRO B 181 4.76 34.39 1.69
C PRO B 181 5.22 34.81 0.29
N LYS B 182 6.19 34.12 -0.28
CA LYS B 182 6.67 34.47 -1.60
C LYS B 182 5.66 34.21 -2.70
N PHE B 183 4.61 33.46 -2.39
CA PHE B 183 3.58 33.14 -3.39
C PHE B 183 2.22 33.77 -3.09
N GLN B 184 2.16 34.74 -2.19
CA GLN B 184 0.87 35.33 -1.83
C GLN B 184 0.03 35.96 -2.96
N GLY B 185 0.57 36.99 -3.63
CA GLY B 185 -0.17 37.64 -4.70
C GLY B 185 0.33 37.28 -6.08
N LYS B 186 0.85 36.07 -6.20
CA LYS B 186 1.38 35.55 -7.46
C LYS B 186 0.52 34.35 -7.82
N ALA B 187 0.35 33.48 -6.84
CA ALA B 187 -0.47 32.29 -6.97
C ALA B 187 -1.69 32.50 -6.08
N THR B 188 -2.84 32.02 -6.55
CA THR B 188 -4.09 32.14 -5.79
C THR B 188 -4.87 30.83 -5.96
N ILE B 189 -5.00 30.09 -4.87
CA ILE B 189 -5.67 28.79 -4.88
C ILE B 189 -7.16 28.81 -4.53
N THR B 190 -7.94 28.02 -5.28
CA THR B 190 -9.40 27.90 -5.09
C THR B 190 -9.88 26.48 -5.31
N ALA B 191 -11.16 26.24 -5.01
CA ALA B 191 -11.75 24.92 -5.18
C ALA B 191 -13.27 24.94 -5.35
N ASP B 192 -13.77 24.16 -6.30
CA ASP B 192 -15.22 24.09 -6.54
C ASP B 192 -15.75 22.80 -5.93
N THR B 193 -16.42 22.92 -4.79
CA THR B 193 -16.96 21.75 -4.10
C THR B 193 -18.03 21.05 -4.92
N SER B 194 -18.69 21.79 -5.82
CA SER B 194 -19.70 21.17 -6.65
C SER B 194 -19.03 20.10 -7.52
N SER B 195 -17.93 20.46 -8.16
CA SER B 195 -17.21 19.54 -9.03
C SER B 195 -16.03 18.81 -8.37
N ASN B 196 -15.81 19.05 -7.08
CA ASN B 196 -14.72 18.39 -6.32
C ASN B 196 -13.39 18.70 -6.97
N THR B 197 -13.22 19.93 -7.45
CA THR B 197 -12.00 20.32 -8.13
C THR B 197 -11.15 21.36 -7.41
N ALA B 198 -9.84 21.21 -7.58
CA ALA B 198 -8.87 22.11 -6.97
C ALA B 198 -8.18 22.93 -8.05
N TYR B 199 -8.17 24.26 -7.91
CA TYR B 199 -7.52 25.10 -8.91
C TYR B 199 -6.39 25.92 -8.33
N LEU B 200 -5.38 26.17 -9.18
CA LEU B 200 -4.22 26.95 -8.83
C LEU B 200 -3.94 28.04 -9.85
N GLN B 201 -4.25 29.28 -9.54
CA GLN B 201 -3.99 30.35 -10.50
C GLN B 201 -2.66 31.05 -10.29
N LEU B 202 -1.88 31.09 -11.35
CA LEU B 202 -0.58 31.73 -11.35
C LEU B 202 -0.64 32.88 -12.37
N THR B 203 -0.38 34.09 -11.89
CA THR B 203 -0.44 35.27 -12.75
C THR B 203 0.92 35.76 -13.23
N SER B 204 0.87 36.72 -14.17
CA SER B 204 2.05 37.34 -14.78
C SER B 204 3.27 36.46 -14.69
N LEU B 205 3.32 35.46 -15.57
CA LEU B 205 4.40 34.50 -15.58
C LEU B 205 5.79 35.02 -15.89
N THR B 206 6.77 34.21 -15.47
CA THR B 206 8.20 34.47 -15.62
C THR B 206 8.82 33.13 -15.95
N SER B 207 10.01 33.15 -16.53
CA SER B 207 10.71 31.93 -16.87
C SER B 207 11.04 31.20 -15.56
N GLU B 208 10.86 31.92 -14.45
CA GLU B 208 11.13 31.37 -13.12
C GLU B 208 9.94 30.49 -12.73
N ASP B 209 8.89 30.56 -13.52
CA ASP B 209 7.71 29.79 -13.22
C ASP B 209 7.63 28.48 -13.99
N THR B 210 8.57 28.26 -14.90
CA THR B 210 8.63 27.00 -15.66
C THR B 210 8.78 25.91 -14.59
N ALA B 211 7.87 24.94 -14.57
CA ALA B 211 7.94 23.87 -13.59
C ALA B 211 6.75 22.94 -13.70
N VAL B 212 6.80 21.85 -12.94
CA VAL B 212 5.70 20.90 -12.88
C VAL B 212 4.98 21.19 -11.56
N TYR B 213 3.66 21.31 -11.63
CA TYR B 213 2.89 21.62 -10.44
C TYR B 213 2.04 20.45 -10.01
N TYR B 214 2.19 20.04 -8.76
CA TYR B 214 1.42 18.93 -8.25
C TYR B 214 0.36 19.35 -7.25
N CYS B 215 -0.69 18.56 -7.17
CA CYS B 215 -1.76 18.77 -6.20
C CYS B 215 -1.72 17.52 -5.34
N ALA B 216 -1.87 17.71 -4.03
CA ALA B 216 -1.84 16.59 -3.09
C ALA B 216 -2.74 16.87 -1.90
N PRO B 217 -3.66 15.95 -1.60
CA PRO B 217 -4.56 16.15 -0.45
C PRO B 217 -3.78 15.83 0.82
N PHE B 218 -4.06 16.55 1.89
CA PHE B 218 -3.34 16.30 3.14
C PHE B 218 -3.78 17.26 4.24
N GLY B 219 -4.32 16.72 5.33
CA GLY B 219 -4.71 17.58 6.42
C GLY B 219 -5.73 17.17 7.45
N TYR B 220 -6.71 16.35 7.05
CA TYR B 220 -7.74 15.97 8.00
C TYR B 220 -8.06 14.49 7.89
N TYR B 221 -9.11 14.19 7.13
CA TYR B 221 -9.54 12.80 6.94
C TYR B 221 -8.94 12.10 5.74
N VAL B 222 -7.98 12.71 5.06
CA VAL B 222 -7.44 12.04 3.88
C VAL B 222 -5.95 11.64 3.91
N SER B 223 -5.08 12.56 4.27
CA SER B 223 -3.68 12.19 4.26
C SER B 223 -3.00 13.10 5.27
N ASP B 224 -3.47 13.03 6.50
CA ASP B 224 -2.94 13.90 7.52
C ASP B 224 -1.57 13.52 8.07
N TYR B 225 -0.98 12.44 7.56
CA TYR B 225 0.33 12.05 8.09
C TYR B 225 1.51 12.31 7.17
N ALA B 226 1.21 12.73 5.94
CA ALA B 226 2.22 13.04 4.93
C ALA B 226 1.50 13.11 3.60
N MET B 227 2.25 13.15 2.51
CA MET B 227 1.61 13.23 1.22
C MET B 227 1.73 11.89 0.49
N ALA B 228 0.79 11.00 0.81
CA ALA B 228 0.78 9.68 0.22
C ALA B 228 0.17 9.71 -1.17
N TYR B 229 -0.74 10.66 -1.37
CA TYR B 229 -1.43 10.83 -2.65
C TYR B 229 -0.99 12.07 -3.42
N TRP B 230 -0.39 11.86 -4.58
CA TRP B 230 0.10 12.95 -5.42
C TRP B 230 -0.55 12.95 -6.81
N GLY B 231 -0.90 14.13 -7.30
CA GLY B 231 -1.48 14.23 -8.63
C GLY B 231 -0.32 14.03 -9.58
N GLN B 232 -0.58 13.65 -10.83
CA GLN B 232 0.50 13.42 -11.79
C GLN B 232 1.26 14.69 -12.15
N GLY B 233 0.77 15.83 -11.70
CA GLY B 233 1.43 17.10 -11.97
C GLY B 233 1.33 17.57 -13.41
N THR B 234 0.84 18.79 -13.58
CA THR B 234 0.72 19.37 -14.90
C THR B 234 1.89 20.32 -15.14
N SER B 235 2.63 20.05 -16.20
CA SER B 235 3.78 20.84 -16.59
C SER B 235 3.45 22.20 -17.23
N VAL B 236 4.18 23.23 -16.80
CA VAL B 236 4.01 24.57 -17.33
C VAL B 236 5.38 25.05 -17.75
N THR B 237 5.51 25.42 -19.02
CA THR B 237 6.77 25.89 -19.53
C THR B 237 6.66 27.33 -20.00
N VAL B 238 7.51 28.20 -19.47
CA VAL B 238 7.49 29.60 -19.85
C VAL B 238 8.69 29.93 -20.74
N SER B 239 8.45 29.89 -22.05
CA SER B 239 9.50 30.21 -23.01
C SER B 239 9.07 31.48 -23.70
N SER B 240 9.98 32.45 -23.71
CA SER B 240 9.74 33.74 -24.32
C SER B 240 10.07 33.73 -25.81
S SO4 C . 7.19 2.71 -9.02
O1 SO4 C . 6.96 2.26 -7.48
O2 SO4 C . 6.76 4.04 -9.42
O3 SO4 C . 8.11 2.09 -9.73
O4 SO4 C . 8.22 3.44 -8.33
S SO4 D . -20.87 6.33 10.96
O1 SO4 D . -22.37 6.33 11.55
O2 SO4 D . -20.68 6.21 9.53
O3 SO4 D . -19.91 6.85 11.69
O4 SO4 D . -21.34 7.65 10.60
S SO4 E . -3.02 -3.49 -1.54
O1 SO4 E . -4.44 -4.14 -1.10
O2 SO4 E . -2.91 -2.04 -1.61
O3 SO4 E . -1.92 -4.21 -1.39
O4 SO4 E . -3.06 -3.23 -0.11
#